data_7ZYO
#
_entry.id   7ZYO
#
_cell.length_a   58.576
_cell.length_b   45.502
_cell.length_c   63.283
_cell.angle_alpha   90.000
_cell.angle_beta   111.510
_cell.angle_gamma   90.000
#
_symmetry.space_group_name_H-M   'P 1 21 1'
#
loop_
_entity.id
_entity.type
_entity.pdbx_description
1 polymer 'Casein kinase II subunit alpha'
2 non-polymer "ADENOSINE-5'-TRIPHOSPHATE"
3 non-polymer 'ACETATE ION'
4 non-polymer 5-bromanyl-6-chloranyl-3-(1~{H}-1,2,3,4-tetrazol-5-ylmethyl)-1~{H}-indole
5 water water
#
_entity_poly.entity_id   1
_entity_poly.type   'polypeptide(L)'
_entity_poly.pdbx_seq_one_letter_code
;SGPVPSRARVYTDVNTHRPSEYWDYESHVVEWGNQDDYQLVRKLGRGKYSEVFEAINITNNEKVVVKILKPVAAAKIKRE
IKILENLRGGPNIITLADIVKDPVSRTPALVFEHVNNTDFKQLYQTLTDYDIRFYMYEILKALDYCHSMGIMHRDVKPHN
VMIDHEHRKLRLIDWGLAEFYHPGQEYNVRVASRYFKGPELLVDYQMYDYSLDMWSLGCMLASMIFRKEPFFHGHDNYDQ
LVRIAKVLGTEDLYDYIDKYNIELDPRFNDILGRHSRKRWERFVHSENQHLVSPEALDFLDKLLRYDHQSRLTAREAMEH
PYFYTVVK
;
_entity_poly.pdbx_strand_id   A
#
loop_
_chem_comp.id
_chem_comp.type
_chem_comp.name
_chem_comp.formula
ACT non-polymer 'ACETATE ION' 'C2 H3 O2 -1'
ATP non-polymer ADENOSINE-5'-TRIPHOSPHATE 'C10 H16 N5 O13 P3'
KEX non-polymer 5-bromanyl-6-chloranyl-3-(1~{H}-1,2,3,4-tetrazol-5-ylmethyl)-1~{H}-indole 'C10 H7 Br Cl N5'
#
# COMPACT_ATOMS: atom_id res chain seq x y z
N GLY A 2 -29.42 6.05 1.65
CA GLY A 2 -28.04 6.19 2.12
C GLY A 2 -27.01 5.99 1.02
N PRO A 3 -25.73 5.69 1.34
CA PRO A 3 -24.76 5.47 0.27
C PRO A 3 -25.10 4.27 -0.62
N VAL A 4 -24.80 4.40 -1.91
CA VAL A 4 -24.99 3.40 -2.94
C VAL A 4 -23.86 2.35 -2.79
N PRO A 5 -24.14 1.04 -3.00
CA PRO A 5 -23.07 0.06 -2.84
C PRO A 5 -22.10 0.03 -4.00
N SER A 6 -20.96 -0.61 -3.78
CA SER A 6 -19.91 -0.71 -4.76
C SER A 6 -19.23 -2.07 -4.61
N ARG A 7 -18.69 -2.55 -5.71
CA ARG A 7 -17.89 -3.78 -5.73
C ARG A 7 -16.72 -3.63 -6.67
N ALA A 8 -15.67 -4.39 -6.39
CA ALA A 8 -14.46 -4.39 -7.18
C ALA A 8 -14.83 -4.86 -8.61
N ARG A 9 -14.15 -4.31 -9.62
CA ARG A 9 -14.37 -4.69 -11.02
C ARG A 9 -13.53 -5.90 -11.45
N VAL A 10 -12.63 -6.35 -10.54
CA VAL A 10 -11.75 -7.52 -10.74
C VAL A 10 -11.70 -8.31 -9.41
N TYR A 11 -11.44 -9.63 -9.50
CA TYR A 11 -11.25 -10.49 -8.32
C TYR A 11 -12.39 -10.34 -7.33
N THR A 12 -13.62 -10.14 -7.85
CA THR A 12 -14.72 -9.88 -6.96
C THR A 12 -15.03 -11.02 -6.03
N ASP A 13 -15.11 -12.23 -6.57
CA ASP A 13 -15.57 -13.39 -5.84
C ASP A 13 -14.47 -14.38 -5.52
N VAL A 14 -13.18 -13.93 -5.52
CA VAL A 14 -12.07 -14.82 -5.21
C VAL A 14 -12.30 -15.53 -3.87
N ASN A 15 -12.76 -14.78 -2.81
CA ASN A 15 -12.91 -15.37 -1.48
C ASN A 15 -14.12 -16.30 -1.34
N THR A 16 -15.18 -16.02 -2.08
CA THR A 16 -16.41 -16.86 -2.06
C THR A 16 -16.11 -18.26 -2.57
N HIS A 17 -15.23 -18.41 -3.56
CA HIS A 17 -14.88 -19.66 -4.23
C HIS A 17 -13.68 -20.40 -3.62
N ARG A 18 -13.17 -19.90 -2.49
CA ARG A 18 -12.07 -20.55 -1.80
C ARG A 18 -12.67 -21.22 -0.57
N PRO A 19 -12.04 -22.25 0.05
CA PRO A 19 -12.64 -22.83 1.27
C PRO A 19 -12.66 -21.78 2.37
N SER A 20 -13.58 -21.91 3.35
CA SER A 20 -13.72 -20.95 4.44
C SER A 20 -12.39 -20.77 5.19
N GLU A 21 -11.59 -21.84 5.29
CA GLU A 21 -10.25 -21.88 5.94
C GLU A 21 -9.34 -20.80 5.37
N TYR A 22 -9.48 -20.47 4.07
CA TYR A 22 -8.63 -19.47 3.42
C TYR A 22 -8.77 -18.08 4.01
N TRP A 23 -10.00 -17.59 4.17
CA TRP A 23 -10.30 -16.24 4.65
C TRP A 23 -10.80 -16.12 6.09
N ASP A 24 -11.31 -17.22 6.68
CA ASP A 24 -11.81 -17.20 8.04
C ASP A 24 -10.61 -17.30 8.98
N TYR A 25 -9.88 -16.18 9.11
CA TYR A 25 -8.65 -16.11 9.90
C TYR A 25 -8.85 -16.38 11.41
N GLU A 26 -10.05 -16.15 11.94
CA GLU A 26 -10.35 -16.37 13.37
C GLU A 26 -10.26 -17.84 13.73
N SER A 27 -10.64 -18.73 12.79
CA SER A 27 -10.64 -20.16 13.04
C SER A 27 -9.28 -20.81 12.73
N HIS A 28 -8.30 -20.00 12.29
CA HIS A 28 -6.96 -20.49 11.94
C HIS A 28 -6.16 -20.91 13.17
N VAL A 29 -5.56 -22.10 13.10
CA VAL A 29 -4.74 -22.61 14.21
C VAL A 29 -3.30 -22.34 13.84
N VAL A 30 -2.64 -21.50 14.64
CA VAL A 30 -1.24 -21.11 14.44
C VAL A 30 -0.30 -22.28 14.72
N GLU A 31 0.62 -22.55 13.77
CA GLU A 31 1.67 -23.54 13.94
C GLU A 31 2.85 -22.77 14.56
N TRP A 32 3.23 -23.12 15.80
CA TRP A 32 4.29 -22.41 16.52
C TRP A 32 5.67 -22.99 16.34
N GLY A 33 6.61 -22.14 16.00
CA GLY A 33 8.02 -22.50 15.85
C GLY A 33 8.72 -22.44 17.20
N ASN A 34 10.02 -22.62 17.21
CA ASN A 34 10.77 -22.60 18.47
C ASN A 34 11.49 -21.26 18.62
N GLN A 35 11.14 -20.47 19.67
CA GLN A 35 11.75 -19.15 19.89
C GLN A 35 13.28 -19.20 20.08
N ASP A 36 13.81 -20.36 20.58
CA ASP A 36 15.26 -20.53 20.81
C ASP A 36 16.11 -20.50 19.52
N ASP A 37 15.46 -20.72 18.34
CA ASP A 37 16.13 -20.66 17.04
C ASP A 37 16.60 -19.26 16.70
N TYR A 38 16.02 -18.25 17.40
CA TYR A 38 16.28 -16.86 17.09
C TYR A 38 16.92 -16.10 18.22
N GLN A 39 18.03 -15.45 17.91
CA GLN A 39 18.79 -14.62 18.84
C GLN A 39 18.65 -13.18 18.39
N LEU A 40 18.04 -12.34 19.26
CA LEU A 40 17.86 -10.93 18.92
C LEU A 40 19.21 -10.23 18.89
N VAL A 41 19.41 -9.36 17.90
CA VAL A 41 20.69 -8.64 17.70
C VAL A 41 20.58 -7.18 18.09
N ARG A 42 19.62 -6.47 17.51
CA ARG A 42 19.41 -5.06 17.76
C ARG A 42 17.97 -4.63 17.49
N LYS A 43 17.53 -3.61 18.21
CA LYS A 43 16.20 -3.06 18.04
C LYS A 43 16.24 -2.18 16.79
N LEU A 44 15.32 -2.41 15.84
CA LEU A 44 15.23 -1.62 14.61
C LEU A 44 14.19 -0.52 14.71
N GLY A 45 13.16 -0.74 15.53
CA GLY A 45 12.08 0.23 15.69
C GLY A 45 10.92 -0.25 16.52
N ARG A 46 9.96 0.62 16.72
CA ARG A 46 8.76 0.33 17.50
C ARG A 46 7.63 1.16 16.95
N GLY A 47 6.58 0.47 16.51
CA GLY A 47 5.38 1.07 15.97
C GLY A 47 4.26 0.99 16.97
N LYS A 48 3.01 1.21 16.52
CA LYS A 48 1.85 1.19 17.41
C LYS A 48 1.42 -0.22 17.82
N TYR A 49 1.76 -1.23 16.99
CA TYR A 49 1.36 -2.60 17.28
C TYR A 49 2.52 -3.57 17.51
N SER A 50 3.79 -3.16 17.26
CA SER A 50 4.94 -4.05 17.48
C SER A 50 6.28 -3.38 17.72
N GLU A 51 7.25 -4.17 18.21
CA GLU A 51 8.64 -3.76 18.39
C GLU A 51 9.39 -4.66 17.40
N VAL A 52 10.25 -4.07 16.58
CA VAL A 52 10.93 -4.74 15.48
C VAL A 52 12.41 -4.89 15.77
N PHE A 53 12.93 -6.12 15.59
CA PHE A 53 14.33 -6.44 15.87
C PHE A 53 14.99 -7.12 14.71
N GLU A 54 16.29 -6.87 14.54
CA GLU A 54 17.13 -7.62 13.62
C GLU A 54 17.58 -8.80 14.50
N ALA A 55 17.58 -10.01 13.95
CA ALA A 55 17.95 -11.21 14.70
C ALA A 55 18.71 -12.17 13.76
N ILE A 56 19.19 -13.25 14.34
CA ILE A 56 19.90 -14.28 13.60
C ILE A 56 19.16 -15.55 13.89
N ASN A 57 18.98 -16.35 12.85
CA ASN A 57 18.41 -17.66 12.92
C ASN A 57 19.67 -18.49 13.14
N ILE A 58 19.88 -18.98 14.36
CA ILE A 58 21.10 -19.71 14.72
C ILE A 58 21.14 -21.15 14.11
N THR A 59 20.04 -21.63 13.50
CA THR A 59 20.00 -22.96 12.86
C THR A 59 20.64 -22.91 11.46
N ASN A 60 20.82 -21.71 10.87
CA ASN A 60 21.42 -21.54 9.55
C ASN A 60 22.33 -20.31 9.45
N ASN A 61 22.46 -19.55 10.56
CA ASN A 61 23.24 -18.32 10.71
C ASN A 61 22.82 -17.22 9.72
N GLU A 62 21.55 -17.24 9.31
CA GLU A 62 21.00 -16.21 8.41
C GLU A 62 20.28 -15.12 9.20
N LYS A 63 20.32 -13.88 8.67
CA LYS A 63 19.68 -12.72 9.26
C LYS A 63 18.19 -12.83 9.06
N VAL A 64 17.44 -12.45 10.09
CA VAL A 64 15.97 -12.38 10.06
C VAL A 64 15.53 -11.08 10.74
N VAL A 65 14.21 -10.82 10.68
CA VAL A 65 13.58 -9.68 11.30
C VAL A 65 12.44 -10.22 12.14
N VAL A 66 12.42 -9.84 13.43
CA VAL A 66 11.43 -10.30 14.38
C VAL A 66 10.56 -9.13 14.75
N LYS A 67 9.26 -9.29 14.56
CA LYS A 67 8.24 -8.29 14.87
C LYS A 67 7.48 -8.85 16.08
N ILE A 68 7.79 -8.34 17.30
CA ILE A 68 7.14 -8.81 18.53
C ILE A 68 5.87 -8.01 18.70
N LEU A 69 4.72 -8.67 18.61
CA LEU A 69 3.44 -7.97 18.65
C LEU A 69 3.02 -7.51 20.05
N LYS A 70 2.40 -6.32 20.14
CA LYS A 70 1.88 -5.75 21.39
C LYS A 70 0.63 -6.54 21.87
N PRO A 71 0.35 -6.67 23.20
CA PRO A 71 -0.77 -7.53 23.64
C PRO A 71 -2.17 -6.93 23.47
N VAL A 72 -2.45 -6.60 22.19
CA VAL A 72 -3.74 -5.94 21.84
C VAL A 72 -4.39 -6.62 20.65
N ALA A 73 -5.69 -6.45 20.51
CA ALA A 73 -6.39 -6.92 19.29
C ALA A 73 -5.98 -8.32 18.80
N ALA A 74 -6.44 -9.38 19.46
CA ALA A 74 -6.09 -10.75 19.08
C ALA A 74 -6.55 -11.12 17.66
N ALA A 75 -7.68 -10.58 17.19
CA ALA A 75 -8.19 -10.93 15.84
C ALA A 75 -7.25 -10.32 14.81
N LYS A 76 -6.77 -9.10 15.06
CA LYS A 76 -5.82 -8.43 14.18
C LYS A 76 -4.58 -9.30 13.97
N ILE A 77 -4.03 -9.89 15.06
CA ILE A 77 -2.84 -10.76 14.94
C ILE A 77 -3.10 -11.94 14.00
N LYS A 78 -4.24 -12.65 14.21
CA LYS A 78 -4.60 -13.82 13.41
C LYS A 78 -4.82 -13.40 11.94
N ARG A 79 -5.38 -12.20 11.72
CA ARG A 79 -5.61 -11.73 10.33
C ARG A 79 -4.28 -11.60 9.56
N GLU A 80 -3.29 -10.91 10.18
CA GLU A 80 -1.98 -10.71 9.59
C GLU A 80 -1.27 -12.04 9.32
N ILE A 81 -1.30 -12.96 10.30
CA ILE A 81 -0.68 -14.28 10.12
C ILE A 81 -1.29 -15.03 8.92
N LYS A 82 -2.63 -15.09 8.84
CA LYS A 82 -3.32 -15.79 7.75
C LYS A 82 -3.02 -15.16 6.37
N ILE A 83 -2.97 -13.82 6.34
CA ILE A 83 -2.65 -13.12 5.10
C ILE A 83 -1.21 -13.42 4.65
N LEU A 84 -0.26 -13.35 5.60
CA LEU A 84 1.14 -13.63 5.31
C LEU A 84 1.30 -15.08 4.80
N GLU A 85 0.58 -16.01 5.42
CA GLU A 85 0.60 -17.40 5.03
C GLU A 85 -0.01 -17.64 3.65
N ASN A 86 -1.16 -17.00 3.38
CA ASN A 86 -1.81 -17.12 2.07
C ASN A 86 -0.95 -16.58 0.91
N LEU A 87 -0.19 -15.49 1.17
CA LEU A 87 0.60 -14.83 0.16
C LEU A 87 2.04 -15.31 0.04
N ARG A 88 2.49 -16.18 0.99
CA ARG A 88 3.86 -16.65 1.02
C ARG A 88 4.29 -17.26 -0.32
N GLY A 89 5.44 -16.79 -0.80
CA GLY A 89 6.01 -17.22 -2.07
C GLY A 89 5.53 -16.41 -3.26
N GLY A 90 4.58 -15.50 -3.04
CA GLY A 90 4.07 -14.63 -4.10
C GLY A 90 5.11 -13.61 -4.54
N PRO A 91 5.07 -13.10 -5.81
CA PRO A 91 6.11 -12.16 -6.25
C PRO A 91 6.20 -10.90 -5.41
N ASN A 92 7.41 -10.62 -4.91
CA ASN A 92 7.75 -9.43 -4.11
C ASN A 92 6.95 -9.29 -2.80
N ILE A 93 6.41 -10.39 -2.28
CA ILE A 93 5.72 -10.40 -0.99
C ILE A 93 6.75 -10.82 0.06
N ILE A 94 6.85 -10.09 1.19
CA ILE A 94 7.74 -10.47 2.28
C ILE A 94 7.41 -11.89 2.77
N THR A 95 8.45 -12.69 3.00
CA THR A 95 8.26 -14.08 3.39
C THR A 95 8.23 -14.16 4.91
N LEU A 96 7.11 -14.66 5.45
CA LEU A 96 6.94 -15.00 6.87
C LEU A 96 7.70 -16.34 7.08
N ALA A 97 8.86 -16.29 7.72
CA ALA A 97 9.70 -17.48 7.93
C ALA A 97 9.23 -18.33 9.10
N ASP A 98 8.67 -17.72 10.15
CA ASP A 98 8.24 -18.43 11.36
C ASP A 98 7.36 -17.55 12.24
N ILE A 99 6.68 -18.18 13.18
CA ILE A 99 5.83 -17.58 14.19
C ILE A 99 6.24 -18.26 15.48
N VAL A 100 6.68 -17.47 16.46
CA VAL A 100 7.11 -17.99 17.77
C VAL A 100 6.44 -17.19 18.89
N LYS A 101 6.35 -17.76 20.10
CA LYS A 101 5.80 -17.07 21.27
C LYS A 101 6.99 -16.40 21.93
N ASP A 102 7.00 -15.05 22.02
CA ASP A 102 8.16 -14.37 22.64
C ASP A 102 8.21 -14.70 24.15
N PRO A 103 9.39 -15.10 24.68
CA PRO A 103 9.47 -15.45 26.10
C PRO A 103 9.30 -14.28 27.07
N VAL A 104 9.52 -13.04 26.63
CA VAL A 104 9.41 -11.89 27.50
C VAL A 104 8.03 -11.29 27.46
N SER A 105 7.56 -10.89 26.26
CA SER A 105 6.26 -10.24 26.10
C SER A 105 5.11 -11.23 26.30
N ARG A 106 5.36 -12.54 26.00
CA ARG A 106 4.38 -13.62 26.08
C ARG A 106 3.28 -13.42 25.01
N THR A 107 3.68 -12.80 23.90
CA THR A 107 2.85 -12.54 22.73
C THR A 107 3.47 -13.17 21.48
N PRO A 108 2.70 -13.25 20.36
CA PRO A 108 3.29 -13.79 19.13
C PRO A 108 4.37 -12.87 18.58
N ALA A 109 5.40 -13.48 17.99
CA ALA A 109 6.52 -12.83 17.36
C ALA A 109 6.65 -13.37 15.94
N LEU A 110 6.46 -12.49 14.94
CA LEU A 110 6.56 -12.89 13.53
C LEU A 110 7.97 -12.76 13.07
N VAL A 111 8.49 -13.81 12.42
CA VAL A 111 9.83 -13.85 11.93
C VAL A 111 9.80 -13.76 10.42
N PHE A 112 10.42 -12.73 9.85
CA PHE A 112 10.45 -12.50 8.43
C PHE A 112 11.83 -12.67 7.83
N GLU A 113 11.89 -12.84 6.50
CA GLU A 113 13.16 -12.85 5.79
C GLU A 113 13.71 -11.44 5.94
N HIS A 114 15.02 -11.32 6.08
CA HIS A 114 15.68 -10.03 6.20
C HIS A 114 15.90 -9.46 4.81
N VAL A 115 15.65 -8.16 4.64
CA VAL A 115 15.91 -7.44 3.40
C VAL A 115 16.94 -6.40 3.77
N ASN A 116 18.14 -6.44 3.14
CA ASN A 116 19.17 -5.43 3.40
C ASN A 116 18.73 -4.26 2.54
N ASN A 117 17.80 -3.48 3.09
CA ASN A 117 17.18 -2.41 2.35
C ASN A 117 17.95 -1.10 2.39
N THR A 118 17.96 -0.44 1.24
CA THR A 118 18.59 0.85 1.03
C THR A 118 17.74 1.90 1.76
N ASP A 119 18.39 2.92 2.34
CA ASP A 119 17.77 4.04 3.06
C ASP A 119 16.66 4.64 2.19
N PHE A 120 15.49 4.91 2.79
CA PHE A 120 14.32 5.45 2.09
C PHE A 120 14.54 6.82 1.49
N LYS A 121 15.30 7.69 2.21
CA LYS A 121 15.65 9.04 1.76
C LYS A 121 16.54 8.89 0.53
N GLN A 122 17.53 7.98 0.62
CA GLN A 122 18.48 7.64 -0.44
C GLN A 122 17.70 7.17 -1.65
N LEU A 123 16.71 6.25 -1.48
CA LEU A 123 15.88 5.77 -2.58
C LEU A 123 15.19 6.92 -3.31
N TYR A 124 14.42 7.74 -2.58
CA TYR A 124 13.69 8.91 -3.13
C TYR A 124 14.65 9.87 -3.88
N GLN A 125 15.79 10.18 -3.26
CA GLN A 125 16.75 11.14 -3.85
C GLN A 125 17.53 10.64 -5.06
N THR A 126 17.73 9.34 -5.18
CA THR A 126 18.59 8.83 -6.23
C THR A 126 17.98 8.03 -7.37
N LEU A 127 16.72 7.59 -7.25
CA LEU A 127 16.19 6.75 -8.33
C LEU A 127 16.13 7.51 -9.66
N THR A 128 16.60 6.86 -10.74
CA THR A 128 16.55 7.49 -12.06
C THR A 128 15.16 7.27 -12.62
N ASP A 129 14.87 7.80 -13.84
CA ASP A 129 13.60 7.58 -14.51
C ASP A 129 13.40 6.07 -14.71
N TYR A 130 14.44 5.40 -15.28
CA TYR A 130 14.35 3.96 -15.50
C TYR A 130 14.08 3.22 -14.19
N ASP A 131 14.75 3.61 -13.07
CA ASP A 131 14.57 2.86 -11.81
C ASP A 131 13.18 3.05 -11.21
N ILE A 132 12.57 4.24 -11.38
CA ILE A 132 11.19 4.45 -10.92
C ILE A 132 10.27 3.51 -11.69
N ARG A 133 10.46 3.40 -13.02
CA ARG A 133 9.61 2.50 -13.84
C ARG A 133 9.83 1.06 -13.45
N PHE A 134 11.10 0.67 -13.32
CA PHE A 134 11.46 -0.69 -12.93
C PHE A 134 10.81 -1.10 -11.59
N TYR A 135 10.98 -0.26 -10.55
CA TYR A 135 10.49 -0.54 -9.19
C TYR A 135 8.98 -0.46 -9.11
N MET A 136 8.35 0.46 -9.86
N MET A 136 8.36 0.46 -9.86
CA MET A 136 6.89 0.55 -9.92
CA MET A 136 6.89 0.57 -9.94
C MET A 136 6.31 -0.75 -10.46
C MET A 136 6.31 -0.75 -10.47
N TYR A 137 6.96 -1.32 -11.51
CA TYR A 137 6.55 -2.58 -12.13
C TYR A 137 6.65 -3.70 -11.08
N GLU A 138 7.74 -3.69 -10.27
CA GLU A 138 7.93 -4.67 -9.19
C GLU A 138 6.84 -4.56 -8.11
N ILE A 139 6.43 -3.31 -7.78
CA ILE A 139 5.35 -3.14 -6.79
C ILE A 139 4.04 -3.67 -7.38
N LEU A 140 3.83 -3.44 -8.67
CA LEU A 140 2.59 -3.91 -9.29
C LEU A 140 2.49 -5.44 -9.29
N LYS A 141 3.64 -6.12 -9.40
CA LYS A 141 3.59 -7.60 -9.36
C LYS A 141 3.05 -8.04 -8.00
N ALA A 142 3.51 -7.37 -6.89
CA ALA A 142 3.08 -7.66 -5.50
C ALA A 142 1.57 -7.37 -5.36
N LEU A 143 1.11 -6.16 -5.80
CA LEU A 143 -0.28 -5.78 -5.72
C LEU A 143 -1.20 -6.68 -6.54
N ASP A 144 -0.85 -6.94 -7.79
CA ASP A 144 -1.72 -7.84 -8.56
C ASP A 144 -1.76 -9.19 -7.89
N TYR A 145 -0.63 -9.67 -7.37
CA TYR A 145 -0.71 -10.95 -6.69
C TYR A 145 -1.66 -10.91 -5.47
N CYS A 146 -1.45 -9.98 -4.56
CA CYS A 146 -2.33 -10.00 -3.38
C CYS A 146 -3.80 -9.72 -3.73
N HIS A 147 -4.06 -8.80 -4.66
CA HIS A 147 -5.45 -8.58 -5.10
C HIS A 147 -6.04 -9.86 -5.73
N SER A 148 -5.23 -10.59 -6.54
CA SER A 148 -5.67 -11.84 -7.21
C SER A 148 -5.95 -12.92 -6.19
N MET A 149 -5.37 -12.74 -4.99
CA MET A 149 -5.52 -13.67 -3.87
C MET A 149 -6.59 -13.15 -2.87
N GLY A 150 -7.39 -12.16 -3.29
CA GLY A 150 -8.51 -11.63 -2.51
C GLY A 150 -8.10 -10.80 -1.33
N ILE A 151 -6.90 -10.17 -1.42
CA ILE A 151 -6.41 -9.38 -0.30
C ILE A 151 -6.07 -7.98 -0.73
N MET A 152 -6.45 -7.00 0.11
CA MET A 152 -6.03 -5.60 -0.15
C MET A 152 -5.01 -5.24 0.95
N HIS A 153 -3.96 -4.52 0.59
CA HIS A 153 -2.89 -4.23 1.54
C HIS A 153 -3.30 -3.12 2.50
N ARG A 154 -3.86 -2.03 1.96
CA ARG A 154 -4.43 -0.89 2.72
C ARG A 154 -3.38 0.00 3.43
N ASP A 155 -2.10 -0.26 3.23
CA ASP A 155 -1.09 0.60 3.85
C ASP A 155 0.10 0.75 2.92
N VAL A 156 -0.18 0.91 1.61
CA VAL A 156 0.87 1.08 0.61
C VAL A 156 1.46 2.49 0.79
N LYS A 157 2.78 2.55 1.05
CA LYS A 157 3.48 3.81 1.27
C LYS A 157 4.96 3.51 1.20
N PRO A 158 5.82 4.54 1.05
CA PRO A 158 7.27 4.30 0.91
C PRO A 158 7.89 3.40 1.98
N HIS A 159 7.56 3.63 3.25
CA HIS A 159 8.16 2.84 4.35
C HIS A 159 7.76 1.37 4.34
N ASN A 160 6.69 1.01 3.60
CA ASN A 160 6.26 -0.37 3.51
C ASN A 160 6.74 -1.05 2.24
N VAL A 161 7.64 -0.37 1.49
CA VAL A 161 8.21 -0.92 0.26
C VAL A 161 9.71 -0.92 0.45
N MET A 162 10.29 -2.11 0.78
N MET A 162 10.28 -2.08 0.74
CA MET A 162 11.74 -2.30 1.04
CA MET A 162 11.71 -2.16 0.93
C MET A 162 12.46 -2.63 -0.27
C MET A 162 12.37 -2.49 -0.38
N ILE A 163 13.53 -1.87 -0.60
CA ILE A 163 14.29 -2.09 -1.82
C ILE A 163 15.72 -2.35 -1.44
N ASP A 164 16.24 -3.47 -1.93
CA ASP A 164 17.65 -3.81 -1.84
C ASP A 164 18.14 -3.40 -3.22
N HIS A 165 18.55 -2.13 -3.32
CA HIS A 165 18.96 -1.48 -4.56
C HIS A 165 20.14 -2.17 -5.24
N GLU A 166 21.00 -2.85 -4.45
CA GLU A 166 22.15 -3.61 -4.93
C GLU A 166 21.70 -4.81 -5.77
N HIS A 167 20.72 -5.59 -5.26
CA HIS A 167 20.23 -6.77 -5.96
C HIS A 167 18.97 -6.47 -6.75
N ARG A 168 18.57 -5.19 -6.83
CA ARG A 168 17.39 -4.72 -7.56
C ARG A 168 16.20 -5.57 -7.16
N LYS A 169 16.06 -5.75 -5.83
CA LYS A 169 15.07 -6.59 -5.18
C LYS A 169 14.12 -5.71 -4.38
N LEU A 170 12.82 -5.98 -4.50
CA LEU A 170 11.80 -5.22 -3.80
C LEU A 170 10.89 -6.16 -3.02
N ARG A 171 10.45 -5.72 -1.81
CA ARG A 171 9.49 -6.48 -1.01
C ARG A 171 8.46 -5.54 -0.42
N LEU A 172 7.19 -5.94 -0.54
CA LEU A 172 6.07 -5.21 0.04
C LEU A 172 5.87 -5.83 1.42
N ILE A 173 6.02 -5.01 2.48
CA ILE A 173 5.95 -5.45 3.87
C ILE A 173 4.76 -4.87 4.62
N ASP A 174 4.68 -5.20 5.94
CA ASP A 174 3.69 -4.70 6.91
C ASP A 174 2.28 -4.94 6.43
N TRP A 175 1.87 -6.18 6.57
CA TRP A 175 0.53 -6.63 6.21
C TRP A 175 -0.45 -6.58 7.42
N GLY A 176 -0.07 -5.84 8.45
CA GLY A 176 -0.86 -5.71 9.68
C GLY A 176 -2.19 -4.99 9.48
N LEU A 177 -2.32 -4.21 8.38
CA LEU A 177 -3.60 -3.55 8.08
C LEU A 177 -4.33 -4.18 6.93
N ALA A 178 -3.74 -5.21 6.34
CA ALA A 178 -4.29 -5.91 5.18
C ALA A 178 -5.60 -6.62 5.51
N GLU A 179 -6.49 -6.72 4.53
CA GLU A 179 -7.79 -7.33 4.77
C GLU A 179 -8.24 -8.17 3.61
N PHE A 180 -9.07 -9.17 3.91
CA PHE A 180 -9.67 -9.97 2.85
C PHE A 180 -10.83 -9.15 2.24
N TYR A 181 -10.88 -9.11 0.91
CA TYR A 181 -11.94 -8.36 0.23
C TYR A 181 -13.16 -9.24 0.03
N HIS A 182 -14.30 -8.80 0.54
CA HIS A 182 -15.56 -9.54 0.45
C HIS A 182 -16.56 -8.58 -0.13
N PRO A 183 -17.13 -8.89 -1.30
CA PRO A 183 -18.07 -7.92 -1.89
C PRO A 183 -19.20 -7.55 -0.95
N GLY A 184 -19.46 -6.27 -0.89
CA GLY A 184 -20.52 -5.74 -0.05
C GLY A 184 -20.07 -5.39 1.35
N GLN A 185 -18.88 -5.81 1.73
CA GLN A 185 -18.39 -5.56 3.11
C GLN A 185 -18.04 -4.11 3.35
N GLU A 186 -18.43 -3.60 4.52
CA GLU A 186 -18.09 -2.24 4.93
C GLU A 186 -16.86 -2.31 5.80
N TYR A 187 -15.83 -1.58 5.39
CA TYR A 187 -14.54 -1.58 6.05
C TYR A 187 -14.27 -0.31 6.82
N ASN A 188 -13.31 -0.39 7.76
CA ASN A 188 -12.88 0.75 8.53
C ASN A 188 -12.14 1.72 7.61
N VAL A 189 -12.52 2.99 7.63
CA VAL A 189 -11.84 4.01 6.81
C VAL A 189 -10.55 4.50 7.49
N ARG A 190 -10.35 4.19 8.80
CA ARG A 190 -9.17 4.61 9.54
C ARG A 190 -8.02 3.62 9.27
N VAL A 191 -7.60 3.57 7.99
CA VAL A 191 -6.53 2.71 7.49
C VAL A 191 -5.62 3.60 6.66
N ALA A 192 -4.43 3.08 6.25
CA ALA A 192 -3.39 3.82 5.51
C ALA A 192 -2.88 5.06 6.26
N SER A 193 -1.77 5.59 5.80
CA SER A 193 -1.19 6.79 6.38
C SER A 193 -1.82 8.01 5.71
N ARG A 194 -2.02 9.13 6.46
CA ARG A 194 -2.70 10.34 5.97
C ARG A 194 -2.42 10.69 4.48
N TYR A 195 -1.15 10.84 4.12
CA TYR A 195 -0.80 11.30 2.78
C TYR A 195 -1.16 10.34 1.65
N PHE A 196 -1.41 9.07 1.98
CA PHE A 196 -1.66 7.99 1.04
C PHE A 196 -3.13 7.53 1.05
N LYS A 197 -3.94 8.15 1.89
CA LYS A 197 -5.37 7.82 2.03
C LYS A 197 -6.15 8.18 0.77
N GLY A 198 -6.89 7.22 0.24
CA GLY A 198 -7.75 7.44 -0.89
C GLY A 198 -8.92 8.32 -0.54
N PRO A 199 -9.42 9.04 -1.55
CA PRO A 199 -10.61 9.88 -1.35
C PRO A 199 -11.77 9.10 -0.70
N GLU A 200 -11.90 7.76 -0.99
CA GLU A 200 -12.97 6.95 -0.38
C GLU A 200 -12.86 7.00 1.15
N LEU A 201 -11.64 6.92 1.68
CA LEU A 201 -11.42 6.98 3.12
C LEU A 201 -11.72 8.38 3.65
N LEU A 202 -11.29 9.42 2.92
CA LEU A 202 -11.45 10.78 3.37
C LEU A 202 -12.87 11.26 3.43
N VAL A 203 -13.74 10.74 2.57
CA VAL A 203 -15.17 11.08 2.53
C VAL A 203 -16.02 10.06 3.28
N ASP A 204 -15.36 9.10 3.95
CA ASP A 204 -16.00 8.10 4.80
C ASP A 204 -16.92 7.11 4.03
N TYR A 205 -16.44 6.63 2.88
CA TYR A 205 -17.11 5.62 2.08
C TYR A 205 -16.51 4.28 2.44
N GLN A 206 -17.29 3.43 3.12
CA GLN A 206 -16.75 2.18 3.68
C GLN A 206 -16.68 0.96 2.75
N MET A 207 -17.45 0.94 1.65
CA MET A 207 -17.49 -0.23 0.77
C MET A 207 -16.42 -0.15 -0.31
N TYR A 208 -15.16 -0.02 0.14
CA TYR A 208 -14.05 0.15 -0.80
C TYR A 208 -13.42 -1.18 -1.14
N ASP A 209 -12.37 -1.16 -2.01
CA ASP A 209 -11.80 -2.45 -2.40
C ASP A 209 -10.31 -2.32 -2.71
N TYR A 210 -9.77 -3.27 -3.51
CA TYR A 210 -8.36 -3.27 -3.90
C TYR A 210 -7.89 -1.94 -4.51
N SER A 211 -8.82 -1.21 -5.20
CA SER A 211 -8.48 0.06 -5.86
C SER A 211 -7.95 1.12 -4.87
N LEU A 212 -8.15 0.92 -3.55
CA LEU A 212 -7.57 1.84 -2.58
C LEU A 212 -6.02 1.78 -2.69
N ASP A 213 -5.47 0.58 -2.93
CA ASP A 213 -4.03 0.39 -3.05
C ASP A 213 -3.46 1.12 -4.30
N MET A 214 -4.25 1.21 -5.37
CA MET A 214 -3.85 1.88 -6.60
C MET A 214 -3.79 3.38 -6.41
N TRP A 215 -4.70 3.97 -5.57
CA TRP A 215 -4.58 5.38 -5.22
C TRP A 215 -3.25 5.59 -4.46
N SER A 216 -3.01 4.78 -3.44
CA SER A 216 -1.77 4.89 -2.63
C SER A 216 -0.53 4.82 -3.52
N LEU A 217 -0.54 3.88 -4.49
CA LEU A 217 0.56 3.73 -5.46
C LEU A 217 0.70 4.99 -6.32
N GLY A 218 -0.45 5.57 -6.73
CA GLY A 218 -0.40 6.82 -7.48
C GLY A 218 0.24 7.95 -6.68
N CYS A 219 -0.01 8.00 -5.36
CA CYS A 219 0.58 9.05 -4.51
C CYS A 219 2.09 8.88 -4.47
N MET A 220 2.53 7.62 -4.41
CA MET A 220 3.97 7.33 -4.43
C MET A 220 4.58 7.78 -5.76
N LEU A 221 3.98 7.36 -6.87
CA LEU A 221 4.44 7.75 -8.21
C LEU A 221 4.54 9.28 -8.33
N ALA A 222 3.47 10.00 -7.96
CA ALA A 222 3.48 11.46 -8.06
C ALA A 222 4.64 12.10 -7.28
N SER A 223 4.91 11.58 -6.08
N SER A 223 4.83 11.66 -6.02
CA SER A 223 6.01 12.11 -5.25
CA SER A 223 5.87 12.19 -5.14
C SER A 223 7.35 11.81 -5.90
C SER A 223 7.25 11.95 -5.73
N MET A 224 7.47 10.63 -6.55
N MET A 224 7.43 10.82 -6.43
CA MET A 224 8.73 10.24 -7.20
CA MET A 224 8.70 10.48 -7.06
C MET A 224 9.04 11.00 -8.47
C MET A 224 8.97 11.27 -8.33
N ILE A 225 8.06 11.18 -9.34
CA ILE A 225 8.28 11.84 -10.66
C ILE A 225 8.34 13.35 -10.51
N PHE A 226 7.61 13.91 -9.54
CA PHE A 226 7.59 15.37 -9.35
C PHE A 226 8.52 15.91 -8.30
N ARG A 227 9.19 14.99 -7.54
N ARG A 227 9.21 15.05 -7.54
CA ARG A 227 10.12 15.27 -6.44
CA ARG A 227 10.13 15.50 -6.47
C ARG A 227 9.46 16.13 -5.34
C ARG A 227 9.35 16.31 -5.43
N LYS A 228 8.25 15.72 -4.90
CA LYS A 228 7.44 16.43 -3.90
C LYS A 228 6.97 15.42 -2.89
N GLU A 229 7.60 15.44 -1.76
CA GLU A 229 7.35 14.47 -0.71
C GLU A 229 6.65 15.11 0.50
N PRO A 230 5.37 14.75 0.79
CA PRO A 230 4.49 13.87 0.02
C PRO A 230 3.84 14.71 -1.07
N PHE A 231 3.19 14.05 -2.06
CA PHE A 231 2.56 14.84 -3.11
C PHE A 231 1.37 15.65 -2.58
N PHE A 232 0.48 15.00 -1.79
CA PHE A 232 -0.68 15.64 -1.18
C PHE A 232 -0.37 15.80 0.31
N HIS A 233 0.03 17.02 0.69
CA HIS A 233 0.52 17.30 2.03
C HIS A 233 -0.53 17.97 2.94
N GLY A 234 -1.53 17.20 3.36
CA GLY A 234 -2.58 17.70 4.24
C GLY A 234 -2.09 17.94 5.66
N HIS A 235 -2.63 18.98 6.32
CA HIS A 235 -2.33 19.28 7.73
C HIS A 235 -3.06 18.27 8.65
N ASP A 236 -4.16 17.68 8.17
CA ASP A 236 -4.96 16.68 8.88
C ASP A 236 -5.82 15.93 7.84
N ASN A 237 -6.71 14.98 8.26
CA ASN A 237 -7.53 14.22 7.31
C ASN A 237 -8.49 15.08 6.49
N TYR A 238 -8.90 16.24 7.01
CA TYR A 238 -9.81 17.09 6.29
C TYR A 238 -9.06 17.90 5.25
N ASP A 239 -7.96 18.53 5.69
CA ASP A 239 -7.15 19.33 4.77
C ASP A 239 -6.55 18.42 3.68
N GLN A 240 -6.38 17.13 4.00
CA GLN A 240 -5.87 16.13 3.05
C GLN A 240 -6.78 16.09 1.79
N LEU A 241 -8.11 16.05 1.98
CA LEU A 241 -9.05 16.08 0.83
C LEU A 241 -8.98 17.40 0.09
N VAL A 242 -8.79 18.54 0.83
CA VAL A 242 -8.63 19.85 0.19
C VAL A 242 -7.37 19.87 -0.70
N ARG A 243 -6.26 19.32 -0.21
CA ARG A 243 -5.03 19.24 -0.99
C ARG A 243 -5.26 18.47 -2.30
N ILE A 244 -6.04 17.38 -2.23
CA ILE A 244 -6.36 16.58 -3.43
C ILE A 244 -7.21 17.41 -4.38
N ALA A 245 -8.23 18.10 -3.84
CA ALA A 245 -9.16 18.91 -4.59
C ALA A 245 -8.45 20.08 -5.30
N LYS A 246 -7.36 20.60 -4.71
CA LYS A 246 -6.60 21.66 -5.37
C LYS A 246 -5.90 21.18 -6.65
N VAL A 247 -5.73 19.86 -6.80
CA VAL A 247 -5.09 19.26 -7.98
C VAL A 247 -6.15 18.69 -8.91
N LEU A 248 -7.05 17.82 -8.38
CA LEU A 248 -8.02 17.14 -9.24
C LEU A 248 -9.30 17.93 -9.50
N GLY A 249 -9.51 19.00 -8.73
CA GLY A 249 -10.70 19.83 -8.87
C GLY A 249 -11.83 19.40 -7.97
N THR A 250 -12.72 20.35 -7.64
CA THR A 250 -13.90 20.06 -6.82
C THR A 250 -15.06 19.46 -7.66
N GLU A 251 -15.19 19.78 -8.96
CA GLU A 251 -16.31 19.26 -9.81
C GLU A 251 -16.35 17.72 -9.83
N ASP A 252 -15.21 17.07 -10.13
CA ASP A 252 -15.16 15.60 -10.13
C ASP A 252 -15.36 15.02 -8.72
N LEU A 253 -14.99 15.79 -7.68
CA LEU A 253 -15.20 15.37 -6.27
C LEU A 253 -16.72 15.32 -6.01
N TYR A 254 -17.41 16.40 -6.34
CA TYR A 254 -18.85 16.43 -6.10
C TYR A 254 -19.59 15.40 -6.96
N ASP A 255 -19.12 15.13 -8.21
CA ASP A 255 -19.68 14.06 -9.06
C ASP A 255 -19.49 12.68 -8.39
N TYR A 256 -18.32 12.44 -7.79
CA TYR A 256 -18.01 11.20 -7.07
C TYR A 256 -18.94 11.03 -5.87
N ILE A 257 -19.07 12.09 -5.02
CA ILE A 257 -20.01 12.10 -3.87
C ILE A 257 -21.45 11.89 -4.36
N ASP A 258 -21.83 12.54 -5.46
CA ASP A 258 -23.19 12.35 -6.00
C ASP A 258 -23.43 10.90 -6.42
N LYS A 259 -22.52 10.37 -7.27
CA LYS A 259 -22.64 8.98 -7.78
C LYS A 259 -22.84 7.95 -6.68
N TYR A 260 -22.01 7.99 -5.64
CA TYR A 260 -22.10 6.99 -4.56
C TYR A 260 -23.06 7.42 -3.47
N ASN A 261 -23.83 8.54 -3.67
CA ASN A 261 -24.80 9.03 -2.67
C ASN A 261 -24.21 9.22 -1.26
N ILE A 262 -23.00 9.80 -1.20
CA ILE A 262 -22.26 10.03 0.04
C ILE A 262 -22.73 11.34 0.65
N GLU A 263 -22.86 11.36 1.98
CA GLU A 263 -23.21 12.52 2.79
C GLU A 263 -21.86 13.06 3.26
N LEU A 264 -21.34 14.08 2.60
CA LEU A 264 -20.06 14.68 2.92
C LEU A 264 -20.12 15.39 4.27
N ASP A 265 -19.15 15.13 5.16
CA ASP A 265 -19.07 15.80 6.46
C ASP A 265 -19.25 17.33 6.25
N PRO A 266 -20.20 17.96 6.95
CA PRO A 266 -20.45 19.40 6.72
C PRO A 266 -19.25 20.28 7.04
N ARG A 267 -18.28 19.76 7.79
CA ARG A 267 -17.09 20.53 8.09
C ARG A 267 -16.29 20.89 6.82
N PHE A 268 -16.51 20.14 5.72
CA PHE A 268 -15.87 20.42 4.44
C PHE A 268 -16.45 21.66 3.73
N ASN A 269 -17.70 22.07 4.07
CA ASN A 269 -18.37 23.22 3.45
C ASN A 269 -17.60 24.54 3.55
N ASP A 270 -16.91 24.75 4.66
CA ASP A 270 -16.15 25.97 4.87
C ASP A 270 -14.66 25.90 4.45
N ILE A 271 -14.17 24.72 3.99
CA ILE A 271 -12.74 24.58 3.64
C ILE A 271 -12.43 24.06 2.20
N LEU A 272 -13.36 23.33 1.54
CA LEU A 272 -13.08 22.79 0.21
C LEU A 272 -12.89 23.82 -0.86
N GLY A 273 -13.68 24.90 -0.82
CA GLY A 273 -13.64 25.97 -1.83
C GLY A 273 -14.06 25.44 -3.19
N ARG A 274 -13.71 26.15 -4.26
CA ARG A 274 -13.99 25.68 -5.63
C ARG A 274 -12.67 25.66 -6.37
N HIS A 275 -12.33 24.49 -6.97
CA HIS A 275 -11.05 24.36 -7.67
C HIS A 275 -11.23 23.64 -8.99
N SER A 276 -10.46 24.03 -9.99
CA SER A 276 -10.51 23.32 -11.25
C SER A 276 -9.30 22.41 -11.32
N ARG A 277 -9.46 21.30 -12.06
CA ARG A 277 -8.35 20.37 -12.26
C ARG A 277 -7.15 21.10 -12.85
N LYS A 278 -5.95 20.80 -12.32
CA LYS A 278 -4.75 21.39 -12.87
C LYS A 278 -4.18 20.35 -13.84
N ARG A 279 -3.66 20.80 -14.98
CA ARG A 279 -3.04 19.88 -15.94
C ARG A 279 -1.72 19.44 -15.33
N TRP A 280 -1.38 18.17 -15.50
CA TRP A 280 -0.15 17.65 -14.86
C TRP A 280 1.12 18.40 -15.16
N GLU A 281 1.17 19.12 -16.28
CA GLU A 281 2.38 19.91 -16.65
C GLU A 281 2.68 21.07 -15.68
N ARG A 282 1.69 21.47 -14.86
CA ARG A 282 1.80 22.54 -13.85
C ARG A 282 2.80 22.16 -12.79
N PHE A 283 2.98 20.84 -12.56
CA PHE A 283 3.89 20.35 -11.53
C PHE A 283 5.30 20.05 -12.05
N VAL A 284 5.54 20.23 -13.34
CA VAL A 284 6.86 19.96 -13.95
C VAL A 284 7.75 21.18 -13.75
N HIS A 285 9.01 20.96 -13.36
CA HIS A 285 9.95 22.07 -13.22
C HIS A 285 11.33 21.55 -13.58
N SER A 286 12.34 22.45 -13.61
CA SER A 286 13.66 22.01 -14.06
C SER A 286 14.29 20.90 -13.20
N GLU A 287 13.90 20.79 -11.95
CA GLU A 287 14.46 19.78 -11.04
C GLU A 287 13.79 18.41 -11.16
N ASN A 288 12.67 18.32 -11.86
CA ASN A 288 12.02 16.99 -11.98
C ASN A 288 11.77 16.57 -13.44
N GLN A 289 12.08 17.44 -14.42
N GLN A 289 12.11 17.44 -14.41
CA GLN A 289 11.79 17.16 -15.84
CA GLN A 289 11.88 17.22 -15.86
C GLN A 289 12.40 15.85 -16.33
C GLN A 289 12.43 15.87 -16.33
N HIS A 290 13.55 15.42 -15.74
CA HIS A 290 14.21 14.20 -16.16
C HIS A 290 13.40 12.94 -15.82
N LEU A 291 12.42 13.06 -14.91
CA LEU A 291 11.60 11.91 -14.47
C LEU A 291 10.21 11.92 -15.09
N VAL A 292 9.88 12.98 -15.80
CA VAL A 292 8.58 13.16 -16.38
C VAL A 292 8.64 12.85 -17.86
N SER A 293 7.62 12.15 -18.33
CA SER A 293 7.39 11.83 -19.72
C SER A 293 5.88 11.87 -19.96
N PRO A 294 5.42 11.94 -21.22
CA PRO A 294 3.98 11.87 -21.48
C PRO A 294 3.38 10.54 -20.94
N GLU A 295 4.17 9.43 -21.01
CA GLU A 295 3.70 8.12 -20.50
C GLU A 295 3.55 8.17 -18.99
N ALA A 296 4.54 8.74 -18.25
CA ALA A 296 4.44 8.85 -16.79
C ALA A 296 3.18 9.64 -16.41
N LEU A 297 2.94 10.77 -17.08
CA LEU A 297 1.77 11.60 -16.80
C LEU A 297 0.47 10.90 -17.10
N ASP A 298 0.39 10.16 -18.24
CA ASP A 298 -0.84 9.45 -18.58
C ASP A 298 -1.12 8.34 -17.57
N PHE A 299 -0.06 7.62 -17.15
CA PHE A 299 -0.20 6.55 -16.18
C PHE A 299 -0.66 7.12 -14.83
N LEU A 300 0.01 8.21 -14.35
CA LEU A 300 -0.38 8.82 -13.06
C LEU A 300 -1.84 9.27 -13.11
N ASP A 301 -2.24 9.87 -14.24
CA ASP A 301 -3.57 10.42 -14.42
C ASP A 301 -4.65 9.35 -14.20
N LYS A 302 -4.32 8.11 -14.58
CA LYS A 302 -5.23 6.98 -14.54
C LYS A 302 -5.25 6.25 -13.22
N LEU A 303 -4.33 6.62 -12.29
CA LEU A 303 -4.30 6.06 -10.94
C LEU A 303 -5.00 7.05 -9.98
N LEU A 304 -4.68 8.36 -10.15
CA LEU A 304 -5.21 9.37 -9.24
C LEU A 304 -6.57 9.89 -9.70
N ARG A 305 -7.59 9.06 -9.52
CA ARG A 305 -8.97 9.41 -9.83
C ARG A 305 -9.82 9.29 -8.56
N TYR A 306 -10.74 10.26 -8.35
CA TYR A 306 -11.62 10.16 -7.16
C TYR A 306 -12.36 8.82 -7.19
N ASP A 307 -13.03 8.52 -8.34
CA ASP A 307 -13.86 7.32 -8.41
C ASP A 307 -13.00 6.06 -8.39
N HIS A 308 -13.01 5.36 -7.24
CA HIS A 308 -12.20 4.13 -7.07
C HIS A 308 -12.46 3.08 -8.17
N GLN A 309 -13.68 3.04 -8.74
CA GLN A 309 -13.98 2.10 -9.83
C GLN A 309 -13.33 2.45 -11.18
N SER A 310 -12.86 3.70 -11.32
N SER A 310 -12.86 3.70 -11.36
CA SER A 310 -12.30 4.27 -12.54
CA SER A 310 -12.30 4.15 -12.63
C SER A 310 -10.79 4.21 -12.62
C SER A 310 -10.80 4.00 -12.69
N ARG A 311 -10.15 3.76 -11.52
CA ARG A 311 -8.67 3.66 -11.48
C ARG A 311 -8.24 2.43 -12.25
N LEU A 312 -7.02 2.44 -12.82
CA LEU A 312 -6.46 1.23 -13.42
C LEU A 312 -6.31 0.20 -12.31
N THR A 313 -6.57 -1.06 -12.63
CA THR A 313 -6.27 -2.14 -11.71
C THR A 313 -4.75 -2.40 -11.85
N ALA A 314 -4.19 -3.24 -10.98
CA ALA A 314 -2.76 -3.54 -11.07
C ALA A 314 -2.37 -4.19 -12.41
N ARG A 315 -3.16 -5.16 -12.92
CA ARG A 315 -2.88 -5.79 -14.21
C ARG A 315 -2.98 -4.78 -15.33
N GLU A 316 -4.01 -3.88 -15.31
CA GLU A 316 -4.10 -2.87 -16.38
C GLU A 316 -2.88 -1.94 -16.31
N ALA A 317 -2.50 -1.56 -15.07
CA ALA A 317 -1.34 -0.69 -14.87
C ALA A 317 -0.07 -1.32 -15.48
N MET A 318 0.09 -2.66 -15.33
CA MET A 318 1.24 -3.36 -15.89
C MET A 318 1.31 -3.36 -17.43
N GLU A 319 0.17 -3.15 -18.11
CA GLU A 319 0.08 -3.06 -19.57
C GLU A 319 0.40 -1.65 -20.05
N HIS A 320 0.57 -0.68 -19.14
CA HIS A 320 0.72 0.70 -19.57
C HIS A 320 2.03 0.98 -20.34
N PRO A 321 1.96 1.82 -21.40
CA PRO A 321 3.17 2.22 -22.13
C PRO A 321 4.34 2.72 -21.28
N TYR A 322 4.06 3.28 -20.05
CA TYR A 322 5.13 3.73 -19.17
C TYR A 322 6.13 2.61 -18.89
N PHE A 323 5.66 1.34 -18.91
CA PHE A 323 6.54 0.21 -18.64
C PHE A 323 7.17 -0.44 -19.87
N TYR A 324 6.89 0.07 -21.08
CA TYR A 324 7.43 -0.54 -22.30
C TYR A 324 8.95 -0.55 -22.32
N THR A 325 9.58 0.48 -21.73
N THR A 325 9.57 0.49 -21.72
CA THR A 325 11.05 0.53 -21.71
CA THR A 325 11.01 0.66 -21.64
C THR A 325 11.66 -0.43 -20.69
C THR A 325 11.67 -0.26 -20.61
N VAL A 326 10.88 -0.87 -19.68
CA VAL A 326 11.43 -1.78 -18.64
C VAL A 326 11.71 -3.17 -19.22
N VAL A 327 12.95 -3.67 -19.07
CA VAL A 327 13.31 -5.02 -19.54
C VAL A 327 12.47 -6.08 -18.82
N LYS A 328 11.81 -6.96 -19.59
N LYS A 328 11.77 -6.94 -19.60
CA LYS A 328 10.99 -8.07 -19.05
CA LYS A 328 10.93 -8.01 -19.07
C LYS A 328 11.46 -9.40 -19.61
C LYS A 328 11.46 -9.39 -19.46
PG ATP B . 6.20 3.46 9.82
O1G ATP B . 5.26 2.70 8.99
O2G ATP B . 5.57 3.98 11.13
O3G ATP B . 6.81 4.68 9.10
PB ATP B . 9.01 2.69 10.08
O1B ATP B . 9.49 2.16 8.78
O2B ATP B . 9.37 4.18 10.20
O3B ATP B . 7.43 2.54 10.22
PA ATP B . 9.21 0.94 12.45
O1A ATP B . 7.98 0.22 12.05
O2A ATP B . 8.98 1.76 13.73
O3A ATP B . 9.71 1.93 11.29
O5' ATP B . 10.48 -0.01 12.69
C5' ATP B . 10.69 -1.16 11.85
C4' ATP B . 12.03 -1.06 11.18
O4' ATP B . 12.44 -2.37 10.72
C3' ATP B . 12.07 -0.15 9.95
O3' ATP B . 13.29 0.60 9.87
C2' ATP B . 11.92 -1.13 8.79
O2' ATP B . 12.55 -0.66 7.61
C1' ATP B . 12.65 -2.36 9.33
N9 ATP B . 12.21 -3.64 8.79
C8 ATP B . 10.95 -4.19 8.84
N7 ATP B . 10.84 -5.34 8.24
C5 ATP B . 12.12 -5.58 7.75
C6 ATP B . 12.68 -6.65 7.01
N6 ATP B . 12.00 -7.73 6.63
N1 ATP B . 13.99 -6.55 6.68
C2 ATP B . 14.70 -5.49 7.07
N3 ATP B . 14.28 -4.43 7.78
C4 ATP B . 12.97 -4.53 8.08
C ACT C . -8.54 -2.54 10.80
O ACT C . -9.40 -2.91 9.98
OXT ACT C . -7.43 -3.05 10.91
CH3 ACT C . -8.88 -1.38 11.73
C ACT D . 11.94 -13.84 20.05
O ACT D . 10.80 -13.32 20.06
OXT ACT D . 12.71 -13.93 21.06
CH3 ACT D . 12.44 -14.39 18.68
C1 KEX E . 9.50 2.26 -4.92
C2 KEX E . 9.55 1.99 -3.56
C3 KEX E . 9.89 3.02 -2.69
C4 KEX E . 10.38 4.28 -0.92
C5 KEX E . 10.43 5.13 -2.00
C6 KEX E . 10.64 6.61 -1.97
C7 KEX E . 9.39 7.39 -2.17
N1 KEX E . 9.11 8.64 -1.57
N2 KEX E . 7.87 8.88 -2.01
N3 KEX E . 7.38 7.94 -2.77
C9 KEX E . 10.11 4.57 -4.52
C8 KEX E . 10.15 4.32 -3.15
BR KEX E . 9.69 3.89 -7.24
C KEX E . 9.78 3.54 -5.38
N KEX E . 10.05 3.02 -1.33
N4 KEX E . 8.32 7.01 -2.89
C1 KEX F . -8.13 -5.32 13.12
C2 KEX F . -7.73 -4.17 13.78
C3 KEX F . -8.15 -3.97 15.09
C4 KEX F . -8.60 -3.15 17.10
C5 KEX F . -9.25 -4.35 17.05
C6 KEX F . -10.07 -4.99 18.14
C7 KEX F . -10.38 -4.06 19.25
N1 KEX F . -9.47 -3.64 20.24
N2 KEX F . -10.21 -2.84 20.97
N3 KEX F . -11.45 -2.71 20.56
C9 KEX F . -9.36 -6.06 15.09
C8 KEX F . -8.97 -4.90 15.75
BR KEX F . -9.48 -7.81 12.84
C KEX F . -8.93 -6.24 13.78
N KEX F . -7.93 -2.91 15.94
N4 KEX F . -11.56 -3.47 19.48
#